data_7X2P
#
_entry.id   7X2P
#
_cell.length_a   37.377
_cell.length_b   54.247
_cell.length_c   128.209
_cell.angle_alpha   90.000
_cell.angle_beta   93.610
_cell.angle_gamma   90.000
#
_symmetry.space_group_name_H-M   'P 1 21 1'
#
_entity_poly.entity_id   1
_entity_poly.type   'polypeptide(L)'
_entity_poly.pdbx_seq_one_letter_code
;TGIFAHTYYWLTSPAGDQSYQNPNYKNEEDNNTGTAIYFIHGTADQPAAFKRVAERLIDTGLPDEICSLNLLAFDQRYQG
KSIKFFAEQLKNKIKVNQHQRVILMAHSRGGLVASYFAEFLAKEASIDVPLVITMGTPFNGSYLAVKPLSWFSDSIREME
INSEFLAQLKQEIVEHSVSAYHFFIAKEDAIAPGESGYIKDYVDKYPESLHILDRHGHLSIMSSHRLVSHISSLLHDYID
DYQNDTEEVKIS
;
_entity_poly.pdbx_strand_id   A,B
#
# COMPACT_ATOMS: atom_id res chain seq x y z
N TYR A 9 -22.78 -2.99 20.55
CA TYR A 9 -22.88 -4.17 19.71
C TYR A 9 -23.99 -5.01 20.30
N TRP A 10 -23.55 -6.09 20.98
CA TRP A 10 -24.46 -6.97 21.69
C TRP A 10 -25.13 -6.23 22.85
N LEU A 11 -24.34 -5.62 23.73
CA LEU A 11 -24.83 -5.12 25.01
C LEU A 11 -24.27 -3.73 25.26
N THR A 12 -24.65 -3.14 26.39
CA THR A 12 -24.18 -1.83 26.81
C THR A 12 -23.28 -1.97 28.03
N SER A 13 -22.11 -1.33 27.98
CA SER A 13 -21.13 -1.40 29.05
C SER A 13 -21.57 -0.55 30.24
N PRO A 14 -20.94 -0.74 31.41
CA PRO A 14 -21.22 0.16 32.54
C PRO A 14 -20.96 1.62 32.23
N ALA A 15 -19.95 1.91 31.42
CA ALA A 15 -19.67 3.30 31.06
C ALA A 15 -20.74 3.89 30.13
N GLY A 16 -21.56 3.06 29.51
CA GLY A 16 -22.57 3.53 28.58
C GLY A 16 -22.22 3.33 27.12
N ASP A 17 -21.01 2.86 26.86
CA ASP A 17 -20.46 2.64 25.53
C ASP A 17 -21.05 1.35 24.97
N GLN A 18 -21.08 1.21 23.63
CA GLN A 18 -21.58 -0.08 23.15
C GLN A 18 -20.51 -1.14 23.26
N SER A 19 -20.90 -2.35 23.65
CA SER A 19 -19.91 -3.36 23.96
C SER A 19 -20.31 -4.71 23.35
N TYR A 20 -19.28 -5.47 22.99
CA TYR A 20 -19.40 -6.82 22.44
C TYR A 20 -18.56 -7.73 23.31
N GLN A 21 -19.19 -8.74 23.90
CA GLN A 21 -18.46 -9.71 24.72
C GLN A 21 -18.00 -10.85 23.82
N ASN A 22 -16.78 -11.32 24.06
CA ASN A 22 -16.18 -12.34 23.20
C ASN A 22 -16.57 -13.74 23.66
N PRO A 23 -17.26 -14.52 22.82
CA PRO A 23 -17.48 -15.94 23.16
C PRO A 23 -16.19 -16.73 23.25
N ASN A 24 -15.20 -16.42 22.39
CA ASN A 24 -13.90 -17.09 22.51
C ASN A 24 -13.27 -16.84 23.87
N TYR A 25 -13.40 -15.63 24.40
CA TYR A 25 -12.90 -15.37 25.74
C TYR A 25 -13.67 -16.22 26.75
N LYS A 26 -13.12 -16.32 27.96
CA LYS A 26 -13.72 -17.09 29.05
C LYS A 26 -13.86 -18.57 28.68
N ASN A 27 -13.09 -19.03 27.69
CA ASN A 27 -13.10 -20.44 27.31
C ASN A 27 -12.35 -21.25 28.37
N GLU A 28 -12.30 -22.56 28.18
CA GLU A 28 -11.54 -23.40 29.10
C GLU A 28 -10.07 -23.01 28.95
N GLU A 29 -9.33 -23.03 30.05
CA GLU A 29 -7.97 -22.48 30.13
C GLU A 29 -7.93 -21.07 29.52
N ASP A 30 -8.73 -20.19 30.12
CA ASP A 30 -8.80 -18.80 29.70
C ASP A 30 -7.65 -17.98 30.27
N ASN A 31 -7.20 -17.01 29.49
CA ASN A 31 -6.13 -16.13 29.95
C ASN A 31 -6.54 -15.48 31.26
N ASN A 32 -5.58 -15.36 32.17
CA ASN A 32 -5.89 -14.90 33.52
C ASN A 32 -6.45 -13.48 33.50
N THR A 33 -5.77 -12.57 32.82
CA THR A 33 -6.26 -11.21 32.60
C THR A 33 -6.04 -10.87 31.13
N GLY A 34 -7.11 -10.55 30.42
CA GLY A 34 -7.07 -10.34 28.99
C GLY A 34 -6.78 -8.94 28.52
N THR A 35 -7.20 -8.67 27.28
CA THR A 35 -6.99 -7.41 26.58
C THR A 35 -8.29 -6.98 25.91
N ALA A 36 -8.73 -5.75 26.18
CA ALA A 36 -9.98 -5.23 25.62
C ALA A 36 -9.67 -4.16 24.58
N ILE A 37 -10.43 -4.17 23.49
CA ILE A 37 -10.25 -3.22 22.40
C ILE A 37 -11.26 -2.09 22.52
N TYR A 38 -10.80 -0.87 22.25
CA TYR A 38 -11.64 0.32 22.32
C TYR A 38 -11.59 1.02 20.97
N PHE A 39 -12.76 1.37 20.44
CA PHE A 39 -12.91 1.93 19.10
C PHE A 39 -13.41 3.36 19.26
N ILE A 40 -12.57 4.34 18.96
CA ILE A 40 -12.87 5.76 19.16
C ILE A 40 -13.14 6.42 17.81
N HIS A 41 -14.21 7.22 17.74
CA HIS A 41 -14.57 7.89 16.50
C HIS A 41 -14.17 9.36 16.55
N GLY A 42 -13.83 9.90 15.38
CA GLY A 42 -13.62 11.31 15.24
C GLY A 42 -14.90 12.10 15.36
N THR A 43 -14.75 13.41 15.53
CA THR A 43 -15.91 14.28 15.68
C THR A 43 -16.74 14.27 14.40
N ALA A 44 -18.06 14.14 14.55
CA ALA A 44 -19.01 14.12 13.44
C ALA A 44 -18.78 12.94 12.50
N ASP A 45 -18.30 11.83 13.06
CA ASP A 45 -18.11 10.60 12.30
C ASP A 45 -19.26 9.63 12.59
N GLN A 46 -19.64 8.87 11.57
CA GLN A 46 -20.73 7.91 11.71
C GLN A 46 -20.28 6.72 12.54
N PRO A 47 -20.88 6.47 13.70
CA PRO A 47 -20.49 5.27 14.47
C PRO A 47 -20.84 3.96 13.79
N ALA A 48 -21.80 3.97 12.85
CA ALA A 48 -22.24 2.73 12.23
C ALA A 48 -21.18 2.14 11.30
N ALA A 49 -20.44 2.98 10.57
CA ALA A 49 -19.33 2.46 9.79
C ALA A 49 -18.24 1.89 10.69
N PHE A 50 -18.05 2.50 11.86
CA PHE A 50 -17.00 2.05 12.74
C PHE A 50 -17.41 0.68 13.30
N LYS A 51 -18.72 0.52 13.50
CA LYS A 51 -19.31 -0.77 13.83
C LYS A 51 -19.15 -1.77 12.69
N ARG A 52 -19.18 -1.29 11.46
CA ARG A 52 -18.84 -2.16 10.33
C ARG A 52 -17.43 -2.71 10.48
N VAL A 53 -16.50 -1.86 10.90
CA VAL A 53 -15.11 -2.31 11.04
C VAL A 53 -15.00 -3.34 12.16
N ALA A 54 -15.68 -3.09 13.28
CA ALA A 54 -15.65 -4.06 14.37
C ALA A 54 -16.34 -5.38 14.01
N GLU A 55 -17.49 -5.31 13.34
CA GLU A 55 -18.19 -6.53 12.94
C GLU A 55 -17.35 -7.35 11.97
N ARG A 56 -16.68 -6.69 11.02
CA ARG A 56 -15.80 -7.40 10.12
C ARG A 56 -14.61 -8.00 10.86
N LEU A 57 -14.11 -7.31 11.89
CA LEU A 57 -13.08 -7.90 12.74
C LEU A 57 -13.58 -9.18 13.41
N ILE A 58 -14.83 -9.18 13.85
CA ILE A 58 -15.39 -10.39 14.46
C ILE A 58 -15.56 -11.49 13.42
N ASP A 59 -16.02 -11.13 12.22
CA ASP A 59 -16.14 -12.10 11.13
C ASP A 59 -14.80 -12.74 10.82
N THR A 60 -13.73 -11.94 10.77
CA THR A 60 -12.41 -12.48 10.50
C THR A 60 -11.99 -13.49 11.56
N GLY A 61 -12.33 -13.23 12.82
CA GLY A 61 -11.93 -14.10 13.90
C GLY A 61 -11.02 -13.37 14.88
N LEU A 62 -11.44 -13.31 16.15
CA LEU A 62 -10.68 -12.59 17.14
C LEU A 62 -9.93 -13.57 18.03
N PRO A 63 -8.71 -13.20 18.45
CA PRO A 63 -7.95 -14.09 19.34
C PRO A 63 -8.71 -14.30 20.65
N ASP A 64 -8.60 -15.51 21.18
CA ASP A 64 -9.27 -15.85 22.43
C ASP A 64 -8.83 -14.94 23.56
N GLU A 65 -7.68 -14.29 23.39
CA GLU A 65 -7.07 -13.49 24.44
C GLU A 65 -7.81 -12.18 24.64
N ILE A 66 -8.58 -11.76 23.64
CA ILE A 66 -9.24 -10.45 23.63
C ILE A 66 -10.49 -10.49 24.51
N CYS A 67 -10.53 -9.60 25.50
CA CYS A 67 -11.64 -9.56 26.46
C CYS A 67 -12.94 -9.19 25.77
N SER A 68 -13.00 -7.99 25.19
CA SER A 68 -14.24 -7.47 24.62
C SER A 68 -13.89 -6.40 23.59
N LEU A 69 -14.90 -6.02 22.81
CA LEU A 69 -14.81 -4.91 21.86
C LEU A 69 -15.71 -3.78 22.31
N ASN A 70 -15.16 -2.58 22.44
CA ASN A 70 -15.93 -1.45 22.94
C ASN A 70 -15.97 -0.31 21.92
N LEU A 71 -17.08 0.42 21.94
CA LEU A 71 -17.39 1.46 20.97
C LEU A 71 -17.69 2.73 21.75
N LEU A 72 -16.97 3.80 21.40
CA LEU A 72 -17.02 5.07 22.13
C LEU A 72 -18.05 5.97 21.45
N ALA A 73 -19.31 5.63 21.70
CA ALA A 73 -20.45 6.40 21.20
C ALA A 73 -21.45 6.47 22.35
N PHE A 74 -22.70 6.79 22.02
CA PHE A 74 -23.76 6.92 23.02
C PHE A 74 -23.35 7.82 24.17
N ASP A 75 -23.46 7.32 25.40
CA ASP A 75 -23.13 8.07 26.60
C ASP A 75 -21.61 7.91 26.83
N GLN A 76 -20.86 9.01 26.73
CA GLN A 76 -21.36 10.33 26.35
C GLN A 76 -20.42 11.02 25.34
N ARG A 77 -20.96 11.36 24.16
CA ARG A 77 -20.22 11.98 23.07
C ARG A 77 -20.69 13.41 22.81
N TYR A 78 -19.77 14.37 22.87
CA TYR A 78 -20.02 15.75 22.47
C TYR A 78 -19.51 16.00 21.05
N GLN A 79 -20.13 16.97 20.38
CA GLN A 79 -19.67 17.36 19.04
C GLN A 79 -18.39 18.19 19.13
N GLY A 80 -18.39 19.23 19.95
CA GLY A 80 -17.26 20.14 20.10
C GLY A 80 -16.80 20.24 21.54
N LYS A 81 -15.50 20.05 21.80
CA LYS A 81 -14.92 20.02 23.14
C LYS A 81 -13.43 19.72 23.02
N SER A 82 -12.67 20.01 24.08
CA SER A 82 -11.21 19.95 24.07
C SER A 82 -10.68 18.51 24.04
N ILE A 83 -9.51 18.35 23.40
CA ILE A 83 -8.79 17.08 23.35
C ILE A 83 -8.61 16.46 24.74
N LYS A 84 -8.06 17.25 25.68
CA LYS A 84 -7.72 16.69 26.99
C LYS A 84 -8.97 16.13 27.66
N PHE A 85 -10.09 16.86 27.55
CA PHE A 85 -11.33 16.41 28.16
C PHE A 85 -11.77 15.07 27.58
N PHE A 86 -11.71 14.93 26.25
CA PHE A 86 -12.13 13.67 25.63
C PHE A 86 -11.25 12.51 26.08
N ALA A 87 -9.95 12.75 26.21
CA ALA A 87 -9.09 11.66 26.68
C ALA A 87 -9.36 11.33 28.15
N GLU A 88 -9.57 12.36 28.98
CA GLU A 88 -9.97 12.12 30.36
C GLU A 88 -11.25 11.29 30.43
N GLN A 89 -12.21 11.59 29.56
CA GLN A 89 -13.45 10.81 29.52
C GLN A 89 -13.18 9.38 29.07
N LEU A 90 -12.29 9.20 28.10
CA LEU A 90 -11.91 7.85 27.68
C LEU A 90 -11.33 7.08 28.85
N LYS A 91 -10.43 7.72 29.61
CA LYS A 91 -9.84 7.07 30.78
C LYS A 91 -10.90 6.74 31.82
N ASN A 92 -11.84 7.66 32.04
CA ASN A 92 -12.92 7.40 32.99
C ASN A 92 -13.74 6.20 32.56
N LYS A 93 -14.04 6.09 31.26
CA LYS A 93 -14.83 4.98 30.76
C LYS A 93 -14.07 3.66 30.87
N ILE A 94 -12.76 3.70 30.63
CA ILE A 94 -11.95 2.49 30.79
C ILE A 94 -11.95 2.05 32.24
N LYS A 95 -11.87 3.01 33.17
CA LYS A 95 -11.85 2.66 34.59
C LYS A 95 -13.21 2.21 35.10
N VAL A 96 -14.30 2.72 34.51
CA VAL A 96 -15.63 2.23 34.85
C VAL A 96 -15.79 0.78 34.43
N ASN A 97 -15.18 0.41 33.30
CA ASN A 97 -15.25 -0.95 32.79
C ASN A 97 -14.17 -1.84 33.39
N GLN A 98 -13.34 -1.30 34.28
CA GLN A 98 -12.25 -2.03 34.93
C GLN A 98 -11.35 -2.75 33.93
N HIS A 99 -11.14 -2.15 32.76
CA HIS A 99 -10.30 -2.79 31.78
C HIS A 99 -8.83 -2.43 31.98
N GLN A 100 -7.98 -3.35 31.53
CA GLN A 100 -6.53 -3.24 31.61
C GLN A 100 -5.98 -3.80 30.31
N ARG A 101 -4.79 -3.33 29.91
CA ARG A 101 -4.21 -3.68 28.61
C ARG A 101 -5.18 -3.41 27.47
N VAL A 102 -5.68 -2.18 27.39
CA VAL A 102 -6.61 -1.84 26.31
C VAL A 102 -5.84 -1.58 25.02
N ILE A 103 -6.45 -1.96 23.90
CA ILE A 103 -5.94 -1.64 22.57
C ILE A 103 -6.84 -0.55 22.00
N LEU A 104 -6.23 0.52 21.50
CA LEU A 104 -6.99 1.67 21.01
C LEU A 104 -7.02 1.66 19.48
N MET A 105 -8.21 1.79 18.92
CA MET A 105 -8.38 1.98 17.48
C MET A 105 -9.20 3.24 17.27
N ALA A 106 -8.58 4.26 16.70
CA ALA A 106 -9.17 5.58 16.61
C ALA A 106 -9.10 6.08 15.18
N HIS A 107 -9.99 7.01 14.86
CA HIS A 107 -10.16 7.53 13.52
C HIS A 107 -10.13 9.05 13.54
N SER A 108 -9.40 9.62 12.58
CA SER A 108 -9.32 11.08 12.36
C SER A 108 -8.85 11.75 13.66
N ARG A 109 -9.47 12.88 14.08
CA ARG A 109 -9.11 13.56 15.32
C ARG A 109 -9.13 12.64 16.54
N GLY A 110 -9.99 11.62 16.52
CA GLY A 110 -10.02 10.69 17.63
C GLY A 110 -8.65 10.09 17.92
N GLY A 111 -7.85 9.88 16.87
CA GLY A 111 -6.51 9.38 17.05
C GLY A 111 -5.67 10.27 17.95
N LEU A 112 -5.83 11.58 17.83
CA LEU A 112 -5.18 12.47 18.77
C LEU A 112 -5.60 12.15 20.19
N VAL A 113 -6.92 12.08 20.43
CA VAL A 113 -7.46 11.80 21.77
C VAL A 113 -6.80 10.56 22.33
N ALA A 114 -6.93 9.43 21.63
CA ALA A 114 -6.33 8.19 22.08
C ALA A 114 -4.86 8.39 22.38
N SER A 115 -4.16 9.07 21.48
CA SER A 115 -2.71 9.22 21.65
C SER A 115 -2.42 10.01 22.91
N TYR A 116 -3.19 11.07 23.17
CA TYR A 116 -3.01 11.81 24.41
C TYR A 116 -3.24 10.90 25.59
N PHE A 117 -4.34 10.13 25.56
CA PHE A 117 -4.59 9.17 26.63
C PHE A 117 -3.43 8.21 26.77
N ALA A 118 -2.89 7.73 25.65
CA ALA A 118 -1.85 6.72 25.73
C ALA A 118 -0.53 7.29 26.24
N GLU A 119 -0.35 8.61 26.16
CA GLU A 119 0.97 9.18 26.44
C GLU A 119 1.09 9.83 27.80
N PHE A 120 -0.01 10.26 28.42
CA PHE A 120 0.09 10.92 29.71
C PHE A 120 -0.86 10.30 30.73
N LEU A 121 -2.12 10.12 30.33
CA LEU A 121 -3.12 9.64 31.28
C LEU A 121 -2.95 8.16 31.60
N ALA A 122 -2.42 7.36 30.68
CA ALA A 122 -2.51 5.90 30.81
C ALA A 122 -1.59 5.33 31.90
N LYS A 123 -0.37 5.86 32.06
CA LYS A 123 0.58 5.24 32.98
C LYS A 123 0.16 5.42 34.43
N GLU A 124 -0.02 6.67 34.86
CA GLU A 124 -0.46 6.90 36.21
C GLU A 124 -1.92 6.50 36.45
N ALA A 125 -2.68 6.22 35.41
CA ALA A 125 -3.95 5.51 35.60
C ALA A 125 -3.72 4.01 35.77
N SER A 126 -2.48 3.54 35.59
CA SER A 126 -2.14 2.11 35.59
C SER A 126 -2.94 1.32 34.55
N ILE A 127 -3.15 1.92 33.39
CA ILE A 127 -3.76 1.25 32.24
C ILE A 127 -2.68 1.02 31.20
N ASP A 128 -2.50 -0.24 30.79
CA ASP A 128 -1.56 -0.56 29.72
C ASP A 128 -2.20 -0.32 28.36
N VAL A 129 -1.44 0.28 27.45
CA VAL A 129 -1.92 0.50 26.09
C VAL A 129 -0.91 -0.08 25.10
N PRO A 130 -0.98 -1.39 24.81
CA PRO A 130 0.02 -1.98 23.91
C PRO A 130 -0.05 -1.47 22.47
N LEU A 131 -1.25 -1.38 21.89
CA LEU A 131 -1.41 -1.00 20.49
C LEU A 131 -2.29 0.24 20.38
N VAL A 132 -1.82 1.22 19.61
CA VAL A 132 -2.60 2.40 19.26
C VAL A 132 -2.63 2.51 17.74
N ILE A 133 -3.81 2.33 17.17
CA ILE A 133 -4.02 2.29 15.72
C ILE A 133 -4.79 3.55 15.34
N THR A 134 -4.23 4.36 14.46
CA THR A 134 -4.83 5.62 14.04
C THR A 134 -5.12 5.58 12.55
N MET A 135 -6.32 5.97 12.18
CA MET A 135 -6.74 6.01 10.77
C MET A 135 -6.97 7.47 10.40
N GLY A 136 -6.09 8.01 9.56
CA GLY A 136 -6.19 9.39 9.10
C GLY A 136 -6.16 10.42 10.20
N THR A 137 -5.26 10.27 11.17
CA THR A 137 -5.20 11.18 12.32
C THR A 137 -4.25 12.33 12.01
N PRO A 138 -4.69 13.58 12.06
CA PRO A 138 -3.80 14.70 11.68
C PRO A 138 -2.80 15.07 12.77
N PHE A 139 -1.73 14.27 12.87
CA PHE A 139 -0.69 14.57 13.86
C PHE A 139 0.05 15.85 13.51
N ASN A 140 0.29 16.08 12.21
CA ASN A 140 1.01 17.26 11.76
C ASN A 140 0.13 18.50 11.70
N GLY A 141 -1.19 18.33 11.72
CA GLY A 141 -2.11 19.44 11.66
C GLY A 141 -2.62 19.66 10.25
N GLU A 160 -8.90 25.50 18.14
CA GLU A 160 -8.27 24.40 17.44
C GLU A 160 -7.11 23.82 18.25
N ILE A 161 -6.47 22.79 17.69
CA ILE A 161 -5.33 22.14 18.35
C ILE A 161 -4.08 23.00 18.15
N ASN A 162 -3.32 23.20 19.22
CA ASN A 162 -2.08 23.94 19.16
C ASN A 162 -1.00 23.17 18.43
N SER A 163 -0.13 23.91 17.75
CA SER A 163 1.02 23.27 17.11
C SER A 163 2.08 22.86 18.13
N GLU A 164 2.24 23.64 19.20
CA GLU A 164 3.11 23.22 20.30
C GLU A 164 2.64 21.91 20.92
N PHE A 165 1.32 21.76 21.10
CA PHE A 165 0.81 20.50 21.64
C PHE A 165 1.05 19.35 20.68
N LEU A 166 0.82 19.58 19.38
CA LEU A 166 1.10 18.54 18.40
C LEU A 166 2.58 18.15 18.43
N ALA A 167 3.49 19.13 18.52
CA ALA A 167 4.92 18.83 18.51
C ALA A 167 5.35 18.03 19.74
N GLN A 168 4.84 18.40 20.91
CA GLN A 168 5.12 17.69 22.15
C GLN A 168 4.52 16.31 22.14
N LEU A 169 3.30 16.13 21.61
CA LEU A 169 2.73 14.80 21.44
C LEU A 169 3.59 13.94 20.50
N LYS A 170 4.07 14.53 19.41
CA LYS A 170 4.88 13.77 18.46
C LYS A 170 6.22 13.37 19.09
N GLN A 171 6.81 14.27 19.87
CA GLN A 171 8.05 13.90 20.57
C GLN A 171 7.80 12.76 21.54
N GLU A 172 6.66 12.80 22.24
CA GLU A 172 6.34 11.70 23.15
C GLU A 172 6.14 10.39 22.40
N ILE A 173 5.51 10.45 21.22
CA ILE A 173 5.26 9.23 20.45
C ILE A 173 6.57 8.65 19.92
N VAL A 174 7.46 9.50 19.40
CA VAL A 174 8.68 9.01 18.77
C VAL A 174 9.64 8.42 19.79
N GLU A 175 9.89 9.14 20.87
CA GLU A 175 11.01 8.83 21.77
C GLU A 175 10.61 8.07 23.02
N HIS A 176 9.64 8.56 23.78
CA HIS A 176 9.33 7.98 25.09
C HIS A 176 8.24 6.92 25.08
N SER A 177 7.38 6.92 24.07
CA SER A 177 6.19 6.08 24.11
C SER A 177 6.55 4.61 24.28
N VAL A 178 5.68 3.90 24.99
CA VAL A 178 5.79 2.44 25.15
C VAL A 178 4.70 1.72 24.38
N SER A 179 3.86 2.44 23.64
CA SER A 179 2.86 1.85 22.78
C SER A 179 3.37 1.70 21.36
N ALA A 180 2.93 0.64 20.69
CA ALA A 180 3.20 0.47 19.27
C ALA A 180 2.16 1.25 18.48
N TYR A 181 2.61 2.22 17.69
CA TYR A 181 1.73 3.06 16.90
C TYR A 181 1.69 2.55 15.46
N HIS A 182 0.49 2.46 14.90
CA HIS A 182 0.30 2.10 13.50
C HIS A 182 -0.60 3.14 12.85
N PHE A 183 -0.11 3.74 11.76
CA PHE A 183 -0.84 4.78 11.03
C PHE A 183 -1.38 4.19 9.73
N PHE A 184 -2.70 4.24 9.57
CA PHE A 184 -3.37 3.80 8.35
C PHE A 184 -3.77 5.03 7.55
N ILE A 185 -3.23 5.15 6.34
CA ILE A 185 -3.52 6.29 5.47
C ILE A 185 -3.86 5.78 4.08
N ALA A 186 -4.30 6.71 3.24
CA ALA A 186 -4.53 6.46 1.82
C ALA A 186 -3.32 6.91 1.02
N LYS A 187 -3.16 6.31 -0.15
CA LYS A 187 -1.97 6.59 -0.95
C LYS A 187 -1.91 8.06 -1.32
N GLU A 188 -3.07 8.67 -1.59
CA GLU A 188 -3.10 10.08 -1.95
C GLU A 188 -2.48 10.92 -0.84
N ASP A 189 -2.80 10.58 0.41
CA ASP A 189 -2.17 11.24 1.54
C ASP A 189 -0.70 10.87 1.67
N ALA A 190 -0.33 9.65 1.29
CA ALA A 190 1.07 9.25 1.38
C ALA A 190 1.95 10.11 0.48
N ILE A 191 1.58 10.20 -0.81
CA ILE A 191 2.37 11.00 -1.75
C ILE A 191 2.12 12.49 -1.61
N ALA A 192 1.06 12.88 -0.90
CA ALA A 192 0.82 14.29 -0.65
C ALA A 192 2.00 14.90 0.10
N PRO A 193 2.44 16.11 -0.27
CA PRO A 193 3.58 16.72 0.42
C PRO A 193 3.31 16.87 1.90
N GLY A 194 4.35 16.62 2.70
CA GLY A 194 4.21 16.59 4.14
C GLY A 194 3.78 15.23 4.63
N GLU A 195 3.67 15.13 5.95
CA GLU A 195 3.27 13.90 6.63
C GLU A 195 1.83 14.06 7.12
N SER A 196 0.92 13.33 6.48
CA SER A 196 -0.52 13.44 6.74
C SER A 196 -1.04 12.11 7.23
N GLY A 197 -1.46 12.07 8.50
CA GLY A 197 -1.97 10.84 9.09
C GLY A 197 -0.90 9.92 9.63
N TYR A 198 0.36 10.37 9.69
CA TYR A 198 1.46 9.55 10.15
C TYR A 198 2.60 10.48 10.58
N ILE A 199 3.49 9.94 11.40
CA ILE A 199 4.66 10.67 11.87
C ILE A 199 5.88 10.09 11.15
N LYS A 200 6.52 10.91 10.31
CA LYS A 200 7.63 10.44 9.49
C LYS A 200 8.76 9.88 10.35
N ASP A 201 9.06 10.55 11.46
CA ASP A 201 10.13 10.06 12.34
C ASP A 201 9.79 8.68 12.90
N TYR A 202 8.54 8.47 13.31
CA TYR A 202 8.14 7.18 13.85
C TYR A 202 8.17 6.10 12.78
N VAL A 203 7.71 6.43 11.57
CA VAL A 203 7.75 5.46 10.47
C VAL A 203 9.18 5.10 10.12
N ASP A 204 10.09 6.08 10.17
CA ASP A 204 11.50 5.79 9.94
C ASP A 204 12.06 4.88 11.03
N LYS A 205 11.71 5.15 12.29
CA LYS A 205 12.09 4.25 13.38
C LYS A 205 11.47 2.86 13.21
N TYR A 206 10.20 2.78 12.82
CA TYR A 206 9.50 1.51 12.67
C TYR A 206 8.78 1.47 11.33
N PRO A 207 9.37 0.84 10.31
CA PRO A 207 8.72 0.80 8.99
C PRO A 207 7.37 0.11 8.99
N GLU A 208 7.21 -0.95 9.77
CA GLU A 208 5.97 -1.71 9.78
C GLU A 208 4.81 -0.95 10.41
N SER A 209 5.05 0.25 10.93
CA SER A 209 3.99 1.04 11.53
C SER A 209 3.08 1.69 10.50
N LEU A 210 3.59 1.93 9.29
CA LEU A 210 2.84 2.63 8.25
C LEU A 210 2.11 1.64 7.36
N HIS A 211 0.80 1.84 7.20
CA HIS A 211 -0.03 1.04 6.30
C HIS A 211 -0.74 1.96 5.32
N ILE A 212 -0.48 1.77 4.04
CA ILE A 212 -1.07 2.57 2.97
C ILE A 212 -2.13 1.71 2.28
N LEU A 213 -3.36 2.21 2.22
CA LEU A 213 -4.50 1.48 1.69
C LEU A 213 -5.03 2.14 0.43
N ASP A 214 -5.29 1.33 -0.58
CA ASP A 214 -5.96 1.80 -1.79
C ASP A 214 -7.40 2.19 -1.47
N ARG A 215 -7.78 3.42 -1.74
CA ARG A 215 -9.18 3.82 -1.72
C ARG A 215 -9.58 4.09 -3.17
N HIS A 216 -10.35 3.16 -3.75
CA HIS A 216 -10.84 3.41 -5.10
C HIS A 216 -12.01 4.39 -5.06
N GLY A 217 -12.92 4.20 -4.12
CA GLY A 217 -14.05 5.09 -3.94
C GLY A 217 -13.92 5.98 -2.73
N HIS A 218 -13.74 7.29 -2.93
CA HIS A 218 -13.68 8.21 -1.81
C HIS A 218 -15.08 8.41 -1.25
N LEU A 219 -15.21 8.53 0.07
CA LEU A 219 -14.11 8.60 1.02
C LEU A 219 -14.19 7.39 1.96
N SER A 220 -13.73 6.23 1.50
CA SER A 220 -13.99 4.99 2.21
C SER A 220 -12.67 4.31 2.57
N ILE A 221 -11.96 4.90 3.54
CA ILE A 221 -10.80 4.22 4.09
C ILE A 221 -11.23 3.04 4.95
N MET A 222 -12.25 3.24 5.79
CA MET A 222 -12.70 2.21 6.71
C MET A 222 -13.49 1.11 6.02
N SER A 223 -13.89 1.29 4.77
CA SER A 223 -14.64 0.26 4.08
C SER A 223 -13.72 -0.82 3.52
N SER A 224 -12.44 -0.52 3.39
CA SER A 224 -11.51 -1.49 2.83
C SER A 224 -11.41 -2.71 3.74
N HIS A 225 -11.39 -3.88 3.13
CA HIS A 225 -11.14 -5.10 3.89
C HIS A 225 -9.66 -5.33 4.15
N ARG A 226 -8.79 -4.65 3.38
CA ARG A 226 -7.37 -4.71 3.69
C ARG A 226 -7.09 -4.09 5.05
N LEU A 227 -7.85 -3.04 5.40
CA LEU A 227 -7.78 -2.47 6.74
C LEU A 227 -8.04 -3.53 7.80
N VAL A 228 -9.17 -4.25 7.67
CA VAL A 228 -9.53 -5.21 8.71
C VAL A 228 -8.52 -6.35 8.73
N SER A 229 -8.01 -6.73 7.56
CA SER A 229 -7.01 -7.80 7.49
C SER A 229 -5.73 -7.40 8.22
N HIS A 230 -5.24 -6.17 7.98
CA HIS A 230 -4.05 -5.70 8.68
C HIS A 230 -4.30 -5.58 10.17
N ILE A 231 -5.48 -5.12 10.57
CA ILE A 231 -5.78 -4.97 11.99
C ILE A 231 -5.81 -6.34 12.68
N SER A 232 -6.43 -7.33 12.03
CA SER A 232 -6.50 -8.66 12.62
C SER A 232 -5.11 -9.28 12.69
N SER A 233 -4.28 -9.08 11.65
CA SER A 233 -2.90 -9.54 11.72
C SER A 233 -2.11 -8.84 12.81
N LEU A 234 -2.42 -7.57 13.08
CA LEU A 234 -1.76 -6.87 14.18
C LEU A 234 -2.16 -7.45 15.52
N LEU A 235 -3.46 -7.74 15.69
CA LEU A 235 -3.91 -8.35 16.94
C LEU A 235 -3.28 -9.71 17.15
N HIS A 236 -3.20 -10.51 16.09
CA HIS A 236 -2.59 -11.84 16.20
C HIS A 236 -1.10 -11.74 16.48
N ASP A 237 -0.38 -10.84 15.81
CA ASP A 237 1.03 -10.63 16.08
C ASP A 237 1.26 -10.25 17.53
N TYR A 238 0.45 -9.32 18.05
CA TYR A 238 0.63 -8.90 19.44
C TYR A 238 0.31 -10.02 20.41
N ILE A 239 -0.75 -10.79 20.13
CA ILE A 239 -1.17 -11.87 21.00
C ILE A 239 -0.14 -13.00 21.06
N ASP A 240 0.39 -13.40 19.91
CA ASP A 240 1.34 -14.51 19.90
C ASP A 240 2.58 -14.20 20.73
N ASP A 241 2.97 -12.94 20.79
CA ASP A 241 4.16 -12.53 21.52
C ASP A 241 3.91 -12.55 23.04
N LEU B 11 11.98 -21.85 -22.96
CA LEU B 11 12.09 -21.97 -24.41
C LEU B 11 12.85 -20.75 -24.95
N THR B 12 13.12 -20.74 -26.24
CA THR B 12 13.80 -19.63 -26.90
C THR B 12 12.84 -18.93 -27.86
N SER B 13 12.77 -17.60 -27.76
CA SER B 13 11.93 -16.78 -28.60
C SER B 13 12.55 -16.64 -29.99
N PRO B 14 11.80 -16.18 -30.99
CA PRO B 14 12.38 -15.95 -32.32
C PRO B 14 13.57 -14.99 -32.30
N ALA B 15 13.56 -13.98 -31.43
CA ALA B 15 14.68 -13.06 -31.34
C ALA B 15 15.91 -13.71 -30.73
N GLY B 16 15.76 -14.85 -30.06
CA GLY B 16 16.84 -15.54 -29.39
C GLY B 16 16.83 -15.40 -27.88
N ASP B 17 15.94 -14.57 -27.34
CA ASP B 17 15.81 -14.34 -25.91
C ASP B 17 15.08 -15.49 -25.23
N GLN B 18 15.23 -15.57 -23.92
CA GLN B 18 14.54 -16.59 -23.16
C GLN B 18 13.05 -16.26 -23.06
N SER B 19 12.23 -17.27 -23.35
CA SER B 19 10.80 -17.12 -23.53
C SER B 19 10.07 -18.30 -22.92
N TYR B 20 8.83 -18.05 -22.50
CA TYR B 20 7.92 -19.06 -21.98
C TYR B 20 6.64 -19.00 -22.82
N GLN B 21 6.28 -20.13 -23.42
CA GLN B 21 5.07 -20.22 -24.23
C GLN B 21 3.90 -20.67 -23.36
N ASN B 22 2.72 -20.17 -23.70
CA ASN B 22 1.52 -20.47 -22.92
C ASN B 22 1.01 -21.85 -23.31
N PRO B 23 0.91 -22.80 -22.38
CA PRO B 23 0.40 -24.13 -22.75
C PRO B 23 -1.04 -24.12 -23.25
N ASN B 24 -1.95 -23.39 -22.61
CA ASN B 24 -3.29 -23.23 -23.17
C ASN B 24 -3.22 -22.47 -24.48
N TYR B 25 -2.39 -21.43 -24.52
CA TYR B 25 -2.06 -20.57 -25.66
C TYR B 25 -3.40 -19.98 -26.14
N LYS B 26 -3.65 -19.94 -27.44
CA LYS B 26 -4.91 -19.47 -28.01
C LYS B 26 -5.49 -20.58 -28.88
N ASN B 27 -6.72 -20.36 -29.36
CA ASN B 27 -7.36 -21.33 -30.23
C ASN B 27 -6.75 -21.27 -31.64
N GLU B 28 -7.26 -22.13 -32.52
CA GLU B 28 -6.77 -22.18 -33.89
C GLU B 28 -7.10 -20.91 -34.66
N GLU B 29 -8.34 -20.41 -34.57
CA GLU B 29 -8.74 -19.25 -35.37
C GLU B 29 -8.65 -17.93 -34.59
N ASP B 30 -7.47 -17.65 -34.05
CA ASP B 30 -7.18 -16.34 -33.50
C ASP B 30 -6.53 -15.61 -34.66
N ASN B 31 -7.01 -14.42 -35.09
CA ASN B 31 -6.18 -14.00 -36.23
C ASN B 31 -5.10 -13.07 -35.70
N ASN B 32 -5.27 -12.57 -34.47
CA ASN B 32 -4.22 -11.81 -33.82
C ASN B 32 -3.02 -12.71 -33.57
N THR B 33 -1.85 -12.39 -34.16
CA THR B 33 -0.62 -13.03 -33.69
C THR B 33 -0.47 -13.01 -32.18
N GLY B 34 -0.82 -11.91 -31.53
CA GLY B 34 -0.62 -12.17 -30.11
C GLY B 34 0.12 -11.17 -29.23
N THR B 35 -0.48 -10.90 -28.08
CA THR B 35 0.11 -9.97 -27.12
C THR B 35 1.26 -10.64 -26.39
N ALA B 36 2.45 -10.06 -26.50
CA ALA B 36 3.65 -10.59 -25.87
C ALA B 36 4.10 -9.66 -24.76
N ILE B 37 4.56 -10.24 -23.65
CA ILE B 37 5.04 -9.47 -22.51
C ILE B 37 6.55 -9.37 -22.59
N TYR B 38 7.08 -8.18 -22.30
CA TYR B 38 8.49 -7.89 -22.46
C TYR B 38 9.08 -7.34 -21.16
N PHE B 39 10.25 -7.85 -20.78
CA PHE B 39 10.91 -7.56 -19.50
C PHE B 39 12.22 -6.81 -19.77
N ILE B 40 12.29 -5.53 -19.37
CA ILE B 40 13.50 -4.74 -19.58
C ILE B 40 14.15 -4.51 -18.23
N HIS B 41 15.42 -4.90 -18.08
CA HIS B 41 16.14 -4.67 -16.83
C HIS B 41 17.30 -3.70 -17.05
N GLY B 42 17.65 -2.99 -15.97
CA GLY B 42 18.82 -2.15 -15.98
C GLY B 42 20.10 -2.96 -16.05
N THR B 43 21.20 -2.27 -16.34
CA THR B 43 22.48 -2.93 -16.57
C THR B 43 22.99 -3.66 -15.32
N ALA B 44 23.49 -4.88 -15.55
CA ALA B 44 24.09 -5.72 -14.50
C ALA B 44 23.08 -6.14 -13.43
N ASP B 45 21.83 -6.34 -13.83
CA ASP B 45 20.79 -6.81 -12.92
C ASP B 45 20.58 -8.32 -13.10
N GLN B 46 20.18 -8.97 -12.00
CA GLN B 46 20.04 -10.42 -11.97
C GLN B 46 18.82 -10.89 -12.77
N PRO B 47 19.01 -11.69 -13.83
CA PRO B 47 17.84 -12.21 -14.59
C PRO B 47 17.00 -13.24 -13.82
N ALA B 48 17.55 -13.91 -12.80
CA ALA B 48 16.81 -14.97 -12.13
C ALA B 48 15.61 -14.43 -11.33
N ALA B 49 15.74 -13.24 -10.75
CA ALA B 49 14.59 -12.64 -10.08
C ALA B 49 13.46 -12.37 -11.08
N PHE B 50 13.83 -11.98 -12.31
CA PHE B 50 12.84 -11.78 -13.35
C PHE B 50 12.22 -13.10 -13.75
N LYS B 51 12.99 -14.19 -13.69
CA LYS B 51 12.41 -15.51 -13.93
C LYS B 51 11.37 -15.89 -12.88
N ARG B 52 11.63 -15.62 -11.61
CA ARG B 52 10.65 -15.88 -10.54
C ARG B 52 9.38 -15.03 -10.70
N VAL B 53 9.54 -13.76 -11.06
CA VAL B 53 8.35 -12.93 -11.24
C VAL B 53 7.51 -13.42 -12.42
N ALA B 54 8.17 -13.83 -13.51
CA ALA B 54 7.44 -14.44 -14.62
C ALA B 54 6.80 -15.77 -14.20
N GLU B 55 7.56 -16.59 -13.46
CA GLU B 55 7.03 -17.87 -13.00
C GLU B 55 5.84 -17.67 -12.06
N ARG B 56 5.92 -16.70 -11.16
CA ARG B 56 4.83 -16.39 -10.25
C ARG B 56 3.60 -15.88 -10.99
N LEU B 57 3.81 -15.11 -12.06
CA LEU B 57 2.70 -14.77 -12.93
C LEU B 57 2.04 -16.02 -13.49
N ILE B 58 2.85 -17.02 -13.85
CA ILE B 58 2.30 -18.27 -14.36
C ILE B 58 1.57 -19.04 -13.26
N ASP B 59 2.14 -19.08 -12.06
CA ASP B 59 1.48 -19.76 -10.94
C ASP B 59 0.11 -19.15 -10.68
N THR B 60 0.03 -17.81 -10.63
CA THR B 60 -1.25 -17.15 -10.42
C THR B 60 -2.21 -17.44 -11.57
N GLY B 61 -1.69 -17.50 -12.80
CA GLY B 61 -2.52 -17.72 -13.96
C GLY B 61 -2.50 -16.57 -14.94
N LEU B 62 -2.11 -16.85 -16.18
CA LEU B 62 -1.98 -15.86 -17.24
C LEU B 62 -3.16 -15.98 -18.21
N PRO B 63 -3.70 -14.87 -18.70
CA PRO B 63 -4.86 -14.94 -19.60
C PRO B 63 -4.54 -15.70 -20.88
N ASP B 64 -5.54 -16.48 -21.34
CA ASP B 64 -5.36 -17.29 -22.54
C ASP B 64 -5.07 -16.43 -23.77
N GLU B 65 -5.52 -15.18 -23.79
CA GLU B 65 -5.35 -14.35 -24.96
C GLU B 65 -3.90 -13.87 -25.12
N ILE B 66 -3.13 -13.87 -24.03
CA ILE B 66 -1.75 -13.40 -24.07
C ILE B 66 -0.86 -14.51 -24.60
N CYS B 67 -0.10 -14.18 -25.65
CA CYS B 67 0.69 -15.18 -26.37
C CYS B 67 1.73 -15.85 -25.47
N SER B 68 2.65 -15.07 -24.91
CA SER B 68 3.79 -15.67 -24.22
C SER B 68 4.34 -14.68 -23.21
N LEU B 69 5.26 -15.16 -22.39
CA LEU B 69 6.04 -14.30 -21.52
C LEU B 69 7.44 -14.24 -22.11
N ASN B 70 7.92 -13.04 -22.44
CA ASN B 70 9.20 -12.92 -23.10
C ASN B 70 10.12 -12.10 -22.23
N LEU B 71 11.43 -12.38 -22.35
CA LEU B 71 12.47 -11.86 -21.47
C LEU B 71 13.50 -11.10 -22.28
N LEU B 72 13.61 -9.78 -22.07
CA LEU B 72 14.39 -8.86 -22.91
C LEU B 72 15.48 -8.12 -22.13
N ALA B 73 16.31 -7.38 -22.90
CA ALA B 73 17.42 -6.55 -22.42
C ALA B 73 18.44 -7.40 -21.69
N PHE B 74 19.42 -7.91 -22.43
CA PHE B 74 19.78 -9.31 -22.27
C PHE B 74 21.17 -9.48 -22.92
N ASP B 75 21.20 -9.36 -24.23
CA ASP B 75 22.24 -8.61 -24.94
C ASP B 75 21.93 -7.13 -24.89
N GLN B 76 22.84 -6.30 -24.39
CA GLN B 76 24.08 -6.56 -23.65
C GLN B 76 24.06 -5.41 -22.71
N ARG B 77 24.28 -5.59 -21.42
CA ARG B 77 24.24 -4.44 -20.54
C ARG B 77 25.64 -3.86 -20.55
N TYR B 78 25.78 -2.69 -21.15
CA TYR B 78 27.01 -1.93 -21.19
C TYR B 78 26.95 -0.89 -20.08
N GLN B 79 28.12 -0.51 -19.59
CA GLN B 79 28.17 0.38 -18.44
C GLN B 79 27.75 1.80 -18.79
N GLY B 80 28.28 2.34 -19.88
CA GLY B 80 28.02 3.74 -20.18
C GLY B 80 27.33 4.05 -21.49
N LYS B 81 26.45 3.17 -21.96
CA LYS B 81 25.72 3.41 -23.20
C LYS B 81 24.36 3.99 -22.84
N SER B 82 23.81 4.79 -23.76
CA SER B 82 22.59 5.53 -23.45
C SER B 82 21.34 4.67 -23.58
N ILE B 83 20.34 5.02 -22.77
CA ILE B 83 18.99 4.47 -22.80
C ILE B 83 18.50 4.37 -24.24
N LYS B 84 18.80 5.39 -25.05
CA LYS B 84 18.31 5.41 -26.43
C LYS B 84 18.79 4.17 -27.19
N PHE B 85 20.06 3.78 -27.02
CA PHE B 85 20.56 2.62 -27.73
C PHE B 85 19.79 1.36 -27.35
N PHE B 86 19.57 1.16 -26.04
CA PHE B 86 18.82 -0.01 -25.58
C PHE B 86 17.39 0.01 -26.08
N ALA B 87 16.77 1.19 -26.19
CA ALA B 87 15.40 1.26 -26.70
C ALA B 87 15.33 0.90 -28.18
N GLU B 88 16.28 1.41 -28.98
CA GLU B 88 16.37 0.98 -30.37
C GLU B 88 16.59 -0.53 -30.48
N GLN B 89 17.44 -1.08 -29.62
CA GLN B 89 17.65 -2.53 -29.65
C GLN B 89 16.36 -3.26 -29.30
N LEU B 90 15.64 -2.77 -28.28
CA LEU B 90 14.38 -3.37 -27.88
C LEU B 90 13.36 -3.39 -29.00
N LYS B 91 13.20 -2.26 -29.71
CA LYS B 91 12.24 -2.23 -30.81
C LYS B 91 12.65 -3.21 -31.91
N ASN B 92 13.95 -3.30 -32.20
CA ASN B 92 14.40 -4.27 -33.20
C ASN B 92 14.03 -5.69 -32.79
N LYS B 93 14.22 -6.03 -31.51
CA LYS B 93 13.90 -7.38 -31.06
C LYS B 93 12.39 -7.62 -31.06
N ILE B 94 11.59 -6.61 -30.74
CA ILE B 94 10.13 -6.79 -30.75
C ILE B 94 9.64 -7.07 -32.16
N LYS B 95 10.14 -6.32 -33.15
CA LYS B 95 9.69 -6.57 -34.52
C LYS B 95 10.31 -7.82 -35.14
N VAL B 96 11.45 -8.30 -34.60
CA VAL B 96 11.96 -9.59 -35.04
C VAL B 96 10.91 -10.69 -34.78
N ASN B 97 10.16 -10.56 -33.69
CA ASN B 97 9.10 -11.50 -33.34
C ASN B 97 7.74 -11.15 -33.97
N GLN B 98 7.65 -10.04 -34.71
CA GLN B 98 6.39 -9.55 -35.29
C GLN B 98 5.25 -9.48 -34.27
N HIS B 99 5.53 -9.16 -33.02
CA HIS B 99 4.45 -9.08 -32.05
C HIS B 99 3.86 -7.68 -32.03
N GLN B 100 2.59 -7.59 -31.63
CA GLN B 100 1.85 -6.34 -31.64
C GLN B 100 1.01 -6.22 -30.37
N ARG B 101 0.76 -4.97 -29.98
CA ARG B 101 0.11 -4.63 -28.71
C ARG B 101 0.80 -5.35 -27.55
N VAL B 102 2.11 -5.18 -27.52
CA VAL B 102 2.95 -5.78 -26.49
C VAL B 102 2.91 -4.96 -25.21
N ILE B 103 3.03 -5.67 -24.08
CA ILE B 103 3.04 -5.09 -22.74
C ILE B 103 4.47 -5.07 -22.21
N LEU B 104 4.90 -3.91 -21.71
CA LEU B 104 6.26 -3.74 -21.21
C LEU B 104 6.25 -3.76 -19.69
N MET B 105 7.13 -4.56 -19.10
CA MET B 105 7.36 -4.55 -17.65
C MET B 105 8.85 -4.38 -17.41
N ALA B 106 9.25 -3.23 -16.88
CA ALA B 106 10.65 -2.87 -16.79
C ALA B 106 11.00 -2.40 -15.37
N HIS B 107 12.30 -2.47 -15.07
CA HIS B 107 12.82 -2.28 -13.73
C HIS B 107 13.92 -1.22 -13.74
N SER B 108 13.87 -0.33 -12.74
CA SER B 108 14.89 0.70 -12.52
C SER B 108 15.09 1.54 -13.78
N ARG B 109 16.36 1.83 -14.12
CA ARG B 109 16.62 2.60 -15.34
C ARG B 109 16.05 1.92 -16.58
N GLY B 110 15.97 0.59 -16.57
CA GLY B 110 15.36 -0.12 -17.67
C GLY B 110 13.95 0.36 -17.96
N GLY B 111 13.21 0.73 -16.91
CA GLY B 111 11.87 1.28 -17.13
C GLY B 111 11.90 2.50 -18.02
N LEU B 112 12.87 3.38 -17.80
CA LEU B 112 13.04 4.53 -18.69
C LEU B 112 13.12 4.04 -20.12
N VAL B 113 13.98 3.04 -20.36
CA VAL B 113 14.13 2.47 -21.69
C VAL B 113 12.76 2.15 -22.27
N ALA B 114 12.03 1.26 -21.58
CA ALA B 114 10.74 0.82 -22.09
C ALA B 114 9.87 2.02 -22.37
N SER B 115 9.74 2.90 -21.37
CA SER B 115 8.86 4.05 -21.46
C SER B 115 9.37 5.03 -22.52
N TYR B 116 10.70 5.18 -22.64
CA TYR B 116 11.21 5.99 -23.76
C TYR B 116 10.76 5.39 -25.07
N PHE B 117 10.88 4.07 -25.19
CA PHE B 117 10.39 3.37 -26.37
C PHE B 117 8.91 3.66 -26.57
N ALA B 118 8.14 3.74 -25.48
CA ALA B 118 6.70 3.93 -25.63
C ALA B 118 6.35 5.31 -26.16
N GLU B 119 7.28 6.26 -26.10
CA GLU B 119 6.96 7.64 -26.43
C GLU B 119 7.39 8.08 -27.82
N PHE B 120 8.38 7.43 -28.41
CA PHE B 120 8.85 7.84 -29.74
C PHE B 120 8.96 6.68 -30.72
N LEU B 121 9.62 5.59 -30.30
CA LEU B 121 9.91 4.48 -31.22
C LEU B 121 8.66 3.67 -31.55
N ALA B 122 7.69 3.61 -30.63
CA ALA B 122 6.57 2.69 -30.81
C ALA B 122 5.70 3.12 -31.99
N LYS B 123 5.58 4.43 -32.22
CA LYS B 123 4.78 4.92 -33.33
C LYS B 123 5.45 4.56 -34.65
N GLU B 124 6.77 4.77 -34.75
CA GLU B 124 7.50 4.40 -35.97
C GLU B 124 7.54 2.90 -36.19
N ALA B 125 7.37 2.10 -35.15
CA ALA B 125 7.23 0.66 -35.34
C ALA B 125 5.80 0.23 -35.67
N SER B 126 4.82 1.11 -35.52
CA SER B 126 3.41 0.75 -35.65
C SER B 126 3.08 -0.44 -34.75
N ILE B 127 3.74 -0.49 -33.60
CA ILE B 127 3.45 -1.47 -32.54
C ILE B 127 2.77 -0.72 -31.41
N ASP B 128 1.62 -1.22 -31.00
CA ASP B 128 0.90 -0.61 -29.89
C ASP B 128 1.53 -1.06 -28.57
N VAL B 129 1.60 -0.12 -27.63
CA VAL B 129 2.10 -0.44 -26.29
C VAL B 129 1.01 -0.05 -25.30
N PRO B 130 0.05 -0.93 -25.04
CA PRO B 130 -1.07 -0.59 -24.15
C PRO B 130 -0.62 -0.36 -22.71
N LEU B 131 0.22 -1.23 -22.18
CA LEU B 131 0.65 -1.16 -20.79
C LEU B 131 2.16 -1.01 -20.72
N VAL B 132 2.62 -0.01 -19.97
CA VAL B 132 4.02 0.19 -19.65
C VAL B 132 4.12 0.23 -18.13
N ILE B 133 4.77 -0.76 -17.55
CA ILE B 133 4.85 -0.95 -16.11
C ILE B 133 6.28 -0.69 -15.69
N THR B 134 6.46 0.25 -14.77
CA THR B 134 7.78 0.65 -14.29
C THR B 134 7.91 0.35 -12.80
N MET B 135 9.03 -0.28 -12.44
CA MET B 135 9.31 -0.68 -11.06
C MET B 135 10.51 0.08 -10.52
N GLY B 136 10.25 0.99 -9.57
CA GLY B 136 11.34 1.76 -8.98
C GLY B 136 12.13 2.54 -10.01
N THR B 137 11.43 3.16 -10.95
CA THR B 137 12.08 3.77 -12.10
C THR B 137 12.42 5.22 -11.79
N PRO B 138 13.70 5.62 -11.87
CA PRO B 138 14.08 6.99 -11.44
C PRO B 138 13.74 8.06 -12.47
N PHE B 139 12.45 8.42 -12.50
CA PHE B 139 12.01 9.46 -13.43
C PHE B 139 12.57 10.82 -13.06
N ASN B 140 12.69 11.11 -11.77
CA ASN B 140 13.14 12.43 -11.34
C ASN B 140 14.66 12.60 -11.41
N GLY B 141 15.41 11.50 -11.46
CA GLY B 141 16.86 11.60 -11.53
C GLY B 141 17.51 11.48 -10.17
N GLU B 160 26.01 10.96 -19.87
CA GLU B 160 24.93 10.62 -18.94
C GLU B 160 23.58 11.13 -19.44
N ILE B 161 22.54 10.83 -18.68
CA ILE B 161 21.19 11.27 -19.01
C ILE B 161 20.99 12.71 -18.57
N ASN B 162 20.45 13.54 -19.46
CA ASN B 162 20.13 14.92 -19.11
C ASN B 162 18.91 14.96 -18.19
N SER B 163 18.92 15.91 -17.26
CA SER B 163 17.74 16.11 -16.41
C SER B 163 16.63 16.81 -17.19
N GLU B 164 17.00 17.72 -18.08
CA GLU B 164 16.06 18.30 -19.03
C GLU B 164 15.43 17.22 -19.90
N PHE B 165 16.22 16.20 -20.28
CA PHE B 165 15.68 15.09 -21.05
C PHE B 165 14.66 14.29 -20.25
N LEU B 166 14.96 14.02 -18.97
CA LEU B 166 13.99 13.36 -18.11
C LEU B 166 12.72 14.18 -17.98
N ALA B 167 12.85 15.51 -17.91
CA ALA B 167 11.67 16.36 -17.82
C ALA B 167 10.83 16.28 -19.09
N GLN B 168 11.49 16.22 -20.26
CA GLN B 168 10.77 16.08 -21.51
C GLN B 168 10.06 14.73 -21.59
N LEU B 169 10.74 13.66 -21.16
CA LEU B 169 10.08 12.36 -21.11
C LEU B 169 8.88 12.37 -20.17
N LYS B 170 9.00 13.07 -19.04
CA LYS B 170 7.89 13.16 -18.10
C LYS B 170 6.72 13.90 -18.71
N GLN B 171 6.99 15.01 -19.42
CA GLN B 171 5.92 15.75 -20.05
C GLN B 171 5.23 14.92 -21.13
N GLU B 172 6.01 14.16 -21.91
CA GLU B 172 5.42 13.29 -22.92
C GLU B 172 4.58 12.19 -22.28
N ILE B 173 5.03 11.67 -21.13
CA ILE B 173 4.27 10.65 -20.42
C ILE B 173 2.96 11.22 -19.90
N VAL B 174 3.00 12.44 -19.36
CA VAL B 174 1.83 13.02 -18.71
C VAL B 174 0.76 13.38 -19.72
N GLU B 175 1.14 14.11 -20.77
CA GLU B 175 0.16 14.79 -21.63
C GLU B 175 -0.15 14.05 -22.92
N HIS B 176 0.87 13.69 -23.69
CA HIS B 176 0.64 13.16 -25.03
C HIS B 176 0.53 11.64 -25.07
N SER B 177 1.08 10.94 -24.08
CA SER B 177 1.14 9.48 -24.14
C SER B 177 -0.25 8.88 -24.24
N VAL B 178 -0.34 7.79 -24.99
CA VAL B 178 -1.54 6.97 -25.10
C VAL B 178 -1.35 5.59 -24.49
N SER B 179 -0.21 5.35 -23.84
CA SER B 179 0.03 4.13 -23.11
C SER B 179 -0.42 4.30 -21.66
N ALA B 180 -0.92 3.21 -21.08
CA ALA B 180 -1.27 3.20 -19.66
C ALA B 180 -0.02 2.93 -18.83
N TYR B 181 0.35 3.88 -17.98
CA TYR B 181 1.54 3.79 -17.15
C TYR B 181 1.16 3.36 -15.74
N HIS B 182 1.89 2.40 -15.20
CA HIS B 182 1.70 1.95 -13.82
C HIS B 182 3.05 1.98 -13.11
N PHE B 183 3.11 2.68 -12.00
CA PHE B 183 4.33 2.90 -11.23
C PHE B 183 4.27 2.02 -9.99
N PHE B 184 5.19 1.07 -9.84
CA PHE B 184 5.25 0.23 -8.66
C PHE B 184 6.39 0.70 -7.76
N ILE B 185 6.05 1.13 -6.55
CA ILE B 185 7.06 1.60 -5.60
C ILE B 185 6.81 0.96 -4.25
N ALA B 186 7.77 1.15 -3.34
CA ALA B 186 7.66 0.74 -1.95
C ALA B 186 7.20 1.91 -1.10
N LYS B 187 6.58 1.59 0.05
CA LYS B 187 6.02 2.64 0.90
C LYS B 187 7.09 3.61 1.37
N GLU B 188 8.31 3.11 1.63
CA GLU B 188 9.40 4.00 1.99
C GLU B 188 9.66 5.03 0.90
N ASP B 189 9.62 4.60 -0.37
CA ASP B 189 9.76 5.54 -1.47
C ASP B 189 8.54 6.44 -1.59
N ALA B 190 7.35 5.93 -1.24
CA ALA B 190 6.14 6.73 -1.32
C ALA B 190 6.21 7.93 -0.40
N ILE B 191 6.53 7.70 0.89
CA ILE B 191 6.60 8.80 1.84
C ILE B 191 7.86 9.63 1.71
N ALA B 192 8.85 9.16 0.95
CA ALA B 192 10.05 9.94 0.73
C ALA B 192 9.70 11.26 0.05
N PRO B 193 10.29 12.38 0.47
CA PRO B 193 10.01 13.66 -0.18
C PRO B 193 10.42 13.61 -1.65
N GLY B 194 9.62 14.27 -2.48
CA GLY B 194 9.86 14.21 -3.91
C GLY B 194 9.15 13.06 -4.58
N GLU B 195 9.42 12.93 -5.88
CA GLU B 195 8.78 11.92 -6.72
C GLU B 195 9.81 10.83 -6.95
N SER B 196 9.62 9.65 -6.33
CA SER B 196 10.58 8.57 -6.42
C SER B 196 9.90 7.36 -7.04
N GLY B 197 10.27 7.03 -8.27
CA GLY B 197 9.68 5.91 -8.96
C GLY B 197 8.33 6.21 -9.57
N TYR B 198 7.91 7.46 -9.59
CA TYR B 198 6.59 7.79 -10.10
C TYR B 198 6.56 9.26 -10.51
N ILE B 199 5.59 9.58 -11.37
CA ILE B 199 5.34 10.94 -11.83
C ILE B 199 4.06 11.45 -11.18
N LYS B 200 4.20 12.48 -10.34
CA LYS B 200 3.05 13.00 -9.58
C LYS B 200 1.94 13.49 -10.51
N ASP B 201 2.30 14.13 -11.62
CA ASP B 201 1.29 14.62 -12.55
C ASP B 201 0.44 13.48 -13.11
N TYR B 202 1.09 12.38 -13.48
CA TYR B 202 0.35 11.23 -14.00
C TYR B 202 -0.52 10.59 -12.93
N VAL B 203 -0.04 10.53 -11.68
CA VAL B 203 -0.86 10.01 -10.60
C VAL B 203 -2.08 10.88 -10.34
N ASP B 204 -1.91 12.21 -10.43
CA ASP B 204 -3.07 13.08 -10.31
C ASP B 204 -4.04 12.84 -11.46
N LYS B 205 -3.49 12.67 -12.67
CA LYS B 205 -4.26 12.22 -13.83
C LYS B 205 -4.93 10.86 -13.59
N TYR B 206 -4.18 9.88 -13.08
CA TYR B 206 -4.71 8.54 -12.86
C TYR B 206 -4.25 8.03 -11.47
N PRO B 207 -5.17 8.10 -10.46
CA PRO B 207 -4.77 7.58 -9.16
C PRO B 207 -4.46 6.11 -9.21
N GLU B 208 -5.22 5.34 -9.99
CA GLU B 208 -5.01 3.89 -10.05
C GLU B 208 -3.70 3.51 -10.73
N SER B 209 -2.95 4.48 -11.26
CA SER B 209 -1.67 4.15 -11.90
C SER B 209 -0.60 3.85 -10.87
N LEU B 210 -0.73 4.37 -9.66
CA LEU B 210 0.28 4.20 -8.62
C LEU B 210 -0.03 2.97 -7.78
N HIS B 211 0.95 2.09 -7.63
CA HIS B 211 0.83 0.91 -6.79
C HIS B 211 1.94 0.95 -5.75
N ILE B 212 1.55 1.00 -4.49
CA ILE B 212 2.46 1.03 -3.36
C ILE B 212 2.44 -0.35 -2.72
N LEU B 213 3.60 -0.98 -2.63
CA LEU B 213 3.71 -2.33 -2.12
C LEU B 213 4.51 -2.30 -0.82
N ASP B 214 4.01 -2.98 0.20
CA ASP B 214 4.78 -3.17 1.42
C ASP B 214 5.99 -4.02 1.11
N ARG B 215 7.17 -3.53 1.45
CA ARG B 215 8.41 -4.26 1.25
C ARG B 215 8.88 -4.80 2.61
N HIS B 216 8.62 -6.09 2.84
CA HIS B 216 9.06 -6.74 4.06
C HIS B 216 10.54 -7.10 4.01
N GLY B 217 11.01 -7.64 2.89
CA GLY B 217 12.42 -7.98 2.76
C GLY B 217 13.20 -6.99 1.93
N HIS B 218 14.06 -6.21 2.60
CA HIS B 218 14.88 -5.21 1.94
C HIS B 218 16.10 -5.85 1.27
N LEU B 219 16.47 -5.32 0.10
CA LEU B 219 15.77 -4.21 -0.54
C LEU B 219 15.36 -4.64 -1.95
N SER B 220 14.39 -5.55 -2.04
CA SER B 220 13.98 -6.18 -3.31
C SER B 220 12.46 -6.07 -3.43
N ILE B 221 12.00 -4.90 -3.88
CA ILE B 221 10.58 -4.66 -4.12
C ILE B 221 10.01 -5.65 -5.12
N MET B 222 10.79 -6.03 -6.13
CA MET B 222 10.25 -6.91 -7.14
C MET B 222 9.89 -8.28 -6.57
N SER B 223 10.26 -8.56 -5.32
CA SER B 223 10.08 -9.89 -4.74
C SER B 223 8.71 -10.17 -4.12
N SER B 224 7.93 -9.16 -3.70
CA SER B 224 6.64 -9.45 -3.09
C SER B 224 5.76 -10.12 -4.10
N HIS B 225 4.90 -11.02 -3.63
CA HIS B 225 3.87 -11.58 -4.48
C HIS B 225 2.74 -10.58 -4.74
N ARG B 226 2.62 -9.52 -3.92
CA ARG B 226 1.60 -8.49 -4.15
C ARG B 226 1.83 -7.76 -5.46
N LEU B 227 3.10 -7.47 -5.79
CA LEU B 227 3.44 -6.92 -7.09
C LEU B 227 2.91 -7.81 -8.22
N VAL B 228 3.26 -9.09 -8.19
CA VAL B 228 2.96 -9.92 -9.35
C VAL B 228 1.44 -10.11 -9.45
N SER B 229 0.76 -10.16 -8.30
CA SER B 229 -0.70 -10.24 -8.27
C SER B 229 -1.33 -8.99 -8.89
N HIS B 230 -0.79 -7.82 -8.56
CA HIS B 230 -1.28 -6.60 -9.18
C HIS B 230 -1.10 -6.65 -10.69
N ILE B 231 0.03 -7.22 -11.13
CA ILE B 231 0.30 -7.36 -12.56
C ILE B 231 -0.73 -8.28 -13.21
N SER B 232 -1.04 -9.40 -12.56
CA SER B 232 -1.97 -10.37 -13.13
C SER B 232 -3.39 -9.80 -13.20
N SER B 233 -3.84 -9.14 -12.14
CA SER B 233 -5.16 -8.50 -12.20
C SER B 233 -5.19 -7.35 -13.20
N LEU B 234 -4.07 -6.64 -13.38
CA LEU B 234 -4.01 -5.60 -14.40
C LEU B 234 -4.11 -6.21 -15.79
N LEU B 235 -3.44 -7.34 -16.01
CA LEU B 235 -3.53 -8.05 -17.27
C LEU B 235 -4.95 -8.54 -17.52
N HIS B 236 -5.63 -9.00 -16.47
CA HIS B 236 -7.01 -9.44 -16.63
C HIS B 236 -7.90 -8.27 -17.04
N ASP B 237 -7.74 -7.12 -16.39
CA ASP B 237 -8.49 -5.93 -16.80
C ASP B 237 -8.20 -5.57 -18.26
N TYR B 238 -6.93 -5.61 -18.66
CA TYR B 238 -6.60 -5.25 -20.04
C TYR B 238 -7.18 -6.24 -21.05
N ILE B 239 -7.11 -7.54 -20.74
CA ILE B 239 -7.59 -8.55 -21.66
C ILE B 239 -9.11 -8.47 -21.81
N ASP B 240 -9.82 -8.28 -20.68
CA ASP B 240 -11.28 -8.22 -20.76
C ASP B 240 -11.74 -7.07 -21.64
N ASP B 241 -11.04 -5.94 -21.61
CA ASP B 241 -11.39 -4.78 -22.42
C ASP B 241 -10.96 -4.98 -23.88
#